data_6BMN
#
_entry.id   6BMN
#
_cell.length_a   99.541
_cell.length_b   99.541
_cell.length_c   158.386
_cell.angle_alpha   90.000
_cell.angle_beta   90.000
_cell.angle_gamma   120.000
#
_symmetry.space_group_name_H-M   'P 63'
#
loop_
_entity.id
_entity.type
_entity.pdbx_description
1 polymer 'human DHHC20 palmitoyltransferase'
2 polymer 'human DHHC20 palmitoyltransferase'
3 non-polymer 'ZINC ION'
4 non-polymer 'PHOSPHATE ION'
5 non-polymer "3'-PHOSPHATE-ADENOSINE-5'-DIPHOSPHATE"
6 water water
#
loop_
_entity_poly.entity_id
_entity_poly.type
_entity_poly.pdbx_seq_one_letter_code
_entity_poly.pdbx_strand_id
1 'polypeptide(L)'
;TLWRCCQRVVGWVPVLFITFVVVWSYYAYVVELCVFTIFGNEENGKTVVYLVAFHLFFVMFVWSYWMTIFTSPASPSKEF
YLSNSEKERYEKEFSQERQQEILRRAARALPIYTTSASKTIRYCEKCQLIKPDRAHHCSACDSCILKMDHHCPWVNNCVG
FSNYKFFLLFLLYSLLYCLFVAATVLEYFIKFWTNELTDTRAKFHVLFLFFVSAMFFISVLSLFSYHCWLVGKNRTTIES
FRAPTFSYGPDGNGFSLGCSKNWRQVFGDEKKYWLLPIFSSLGDGCSFPTRLVGM
;
A
2 'polypeptide(L)'
;TLWRCCQRVVGWVPVLFITFVVVWSYYAYVVELCVFTIFGNEENGKTVVYLVAFHLFFVMFVWSYWMTIFTSPASPSKEF
YLSNSEKERYEKEFSQERQQEILRRAARALPIYTTSASKTIRYCEKCQLIKPDRAHHCSACDSCILKMDHH(CME)PWVN
NCVGFSNYKFFLLFLLYSLLYCLFVAATVLEYFIKFWTNELTDTRAKFHVLFLFFVSAMFFISVLSLFSYHCWLVGKNRT
TIESFRAPTFSYGPDGNGFSLGCSKNWRQVFGDEKKYWLLPIFSSLGDGCSFPTRLVGM
;
B
#
# COMPACT_ATOMS: atom_id res chain seq x y z
N THR A 1 11.88 18.38 38.14
CA THR A 1 11.33 19.49 37.36
C THR A 1 11.02 19.04 35.94
N LEU A 2 12.06 18.80 35.14
CA LEU A 2 11.93 18.29 33.79
C LEU A 2 11.92 16.75 33.76
N TRP A 3 11.68 16.11 34.91
CA TRP A 3 11.62 14.65 34.95
C TRP A 3 10.43 14.10 34.19
N ARG A 4 9.38 14.91 33.99
CA ARG A 4 8.23 14.45 33.21
C ARG A 4 8.60 14.21 31.76
N CYS A 5 9.41 15.09 31.18
CA CYS A 5 9.77 14.96 29.76
C CYS A 5 10.56 13.69 29.50
N CYS A 6 11.55 13.39 30.35
CA CYS A 6 12.33 12.17 30.16
C CYS A 6 11.50 10.93 30.47
N GLN A 7 10.65 11.00 31.51
CA GLN A 7 9.79 9.86 31.83
C GLN A 7 8.80 9.60 30.70
N ARG A 8 8.23 10.66 30.12
CA ARG A 8 7.28 10.49 29.02
C ARG A 8 7.96 9.90 27.79
N VAL A 9 9.20 10.32 27.51
CA VAL A 9 9.90 9.86 26.33
C VAL A 9 10.32 8.40 26.47
N VAL A 10 10.88 8.04 27.63
CA VAL A 10 11.35 6.68 27.84
C VAL A 10 10.20 5.68 27.77
N GLY A 11 8.96 6.13 27.98
CA GLY A 11 7.82 5.26 27.81
C GLY A 11 7.59 4.82 26.39
N TRP A 12 8.06 5.62 25.42
CA TRP A 12 7.95 5.28 24.00
C TRP A 12 9.03 4.33 23.53
N VAL A 13 10.04 4.05 24.34
CA VAL A 13 11.14 3.18 23.92
C VAL A 13 10.64 1.80 23.51
N PRO A 14 9.77 1.12 24.28
CA PRO A 14 9.25 -0.17 23.78
C PRO A 14 8.45 -0.04 22.49
N VAL A 15 7.79 1.11 22.27
CA VAL A 15 7.03 1.29 21.04
C VAL A 15 7.97 1.47 19.87
N LEU A 16 8.99 2.32 20.02
CA LEU A 16 9.96 2.53 18.95
C LEU A 16 10.75 1.25 18.66
N PHE A 17 11.03 0.46 19.71
CA PHE A 17 11.72 -0.81 19.52
C PHE A 17 10.89 -1.76 18.65
N ILE A 18 9.62 -1.95 19.02
CA ILE A 18 8.74 -2.80 18.22
C ILE A 18 8.58 -2.24 16.82
N THR A 19 8.45 -0.91 16.70
CA THR A 19 8.31 -0.28 15.39
C THR A 19 9.51 -0.58 14.50
N PHE A 20 10.71 -0.56 15.07
CA PHE A 20 11.91 -0.86 14.29
C PHE A 20 11.89 -2.29 13.78
N VAL A 21 11.56 -3.25 14.65
CA VAL A 21 11.55 -4.66 14.26
C VAL A 21 10.54 -4.88 13.14
N VAL A 22 9.41 -4.17 13.18
CA VAL A 22 8.39 -4.33 12.14
C VAL A 22 8.87 -3.74 10.82
N VAL A 23 9.48 -2.55 10.88
CA VAL A 23 10.06 -1.95 9.67
C VAL A 23 11.15 -2.85 9.11
N TRP A 24 12.02 -3.38 9.98
CA TRP A 24 13.05 -4.30 9.52
C TRP A 24 12.44 -5.56 8.94
N SER A 25 11.37 -6.07 9.55
CA SER A 25 10.73 -7.28 9.04
C SER A 25 10.13 -7.05 7.66
N TYR A 26 9.56 -5.86 7.43
CA TYR A 26 9.04 -5.53 6.10
C TYR A 26 10.17 -5.51 5.08
N TYR A 27 11.27 -4.83 5.40
CA TYR A 27 12.43 -4.80 4.51
C TYR A 27 12.97 -6.20 4.28
N ALA A 28 13.08 -6.99 5.35
CA ALA A 28 13.65 -8.33 5.23
C ALA A 28 12.78 -9.24 4.38
N TYR A 29 11.45 -9.21 4.58
CA TYR A 29 10.59 -10.12 3.86
C TYR A 29 10.35 -9.68 2.43
N VAL A 30 10.16 -8.38 2.19
CA VAL A 30 9.84 -7.91 0.85
C VAL A 30 11.09 -7.86 -0.02
N VAL A 31 12.15 -7.20 0.45
CA VAL A 31 13.34 -6.99 -0.37
C VAL A 31 14.23 -8.23 -0.35
N GLU A 32 14.63 -8.68 0.84
CA GLU A 32 15.61 -9.75 0.93
C GLU A 32 15.01 -11.09 0.53
N LEU A 33 13.82 -11.41 1.03
CA LEU A 33 13.22 -12.72 0.80
C LEU A 33 12.45 -12.79 -0.52
N CYS A 34 11.63 -11.79 -0.82
CA CYS A 34 10.79 -11.87 -2.02
C CYS A 34 11.53 -11.40 -3.26
N VAL A 35 12.33 -10.35 -3.16
CA VAL A 35 13.02 -9.78 -4.31
C VAL A 35 14.36 -10.46 -4.55
N PHE A 36 15.22 -10.50 -3.55
CA PHE A 36 16.54 -11.09 -3.75
C PHE A 36 16.48 -12.61 -3.78
N THR A 37 15.73 -13.24 -2.88
CA THR A 37 15.73 -14.69 -2.77
C THR A 37 14.71 -15.33 -3.71
N ILE A 38 13.42 -15.04 -3.52
CA ILE A 38 12.39 -15.69 -4.34
C ILE A 38 12.42 -15.15 -5.76
N PHE A 39 12.53 -13.82 -5.91
CA PHE A 39 12.67 -13.25 -7.25
C PHE A 39 14.07 -13.44 -7.81
N GLY A 40 15.06 -13.66 -6.95
CA GLY A 40 16.33 -14.16 -7.45
C GLY A 40 16.15 -15.50 -8.14
N ASN A 41 15.16 -16.26 -7.71
CA ASN A 41 14.71 -17.42 -8.45
C ASN A 41 13.81 -16.95 -9.59
N GLU A 42 13.68 -17.81 -10.61
CA GLU A 42 12.89 -17.47 -11.77
C GLU A 42 11.40 -17.75 -11.63
N GLU A 43 10.84 -17.56 -10.44
CA GLU A 43 9.41 -17.81 -10.21
C GLU A 43 8.71 -16.50 -9.86
N ASN A 44 7.97 -15.96 -10.84
CA ASN A 44 7.24 -14.70 -10.70
C ASN A 44 5.88 -14.89 -10.04
N GLY A 45 5.32 -16.08 -10.14
CA GLY A 45 4.02 -16.33 -9.53
C GLY A 45 4.12 -16.44 -8.01
N LYS A 46 5.14 -17.18 -7.54
CA LYS A 46 5.34 -17.35 -6.11
C LYS A 46 5.75 -16.04 -5.44
N THR A 47 6.48 -15.17 -6.15
CA THR A 47 6.88 -13.89 -5.59
C THR A 47 5.69 -12.96 -5.39
N VAL A 48 4.82 -12.87 -6.39
CA VAL A 48 3.66 -11.99 -6.31
C VAL A 48 2.67 -12.45 -5.26
N VAL A 49 2.39 -13.76 -5.21
CA VAL A 49 1.44 -14.30 -4.24
C VAL A 49 1.89 -13.98 -2.82
N TYR A 50 3.18 -14.19 -2.53
CA TYR A 50 3.68 -13.89 -1.20
C TYR A 50 3.63 -12.39 -0.90
N LEU A 51 3.98 -11.56 -1.89
CA LEU A 51 3.98 -10.12 -1.68
C LEU A 51 2.57 -9.59 -1.42
N VAL A 52 1.58 -10.13 -2.13
CA VAL A 52 0.20 -9.70 -1.91
C VAL A 52 -0.27 -10.14 -0.52
N ALA A 53 -0.14 -11.44 -0.22
CA ALA A 53 -0.56 -11.96 1.08
C ALA A 53 0.15 -11.23 2.22
N PHE A 54 1.47 -11.02 2.09
CA PHE A 54 2.21 -10.36 3.15
C PHE A 54 1.65 -8.98 3.45
N HIS A 55 1.27 -8.23 2.42
CA HIS A 55 0.77 -6.88 2.64
C HIS A 55 -0.59 -6.88 3.33
N LEU A 56 -1.37 -7.95 3.17
CA LEU A 56 -2.64 -8.04 3.87
C LEU A 56 -2.43 -8.23 5.37
N PHE A 57 -1.54 -9.14 5.75
CA PHE A 57 -1.26 -9.36 7.16
C PHE A 57 -0.51 -8.17 7.76
N PHE A 58 0.42 -7.59 7.00
CA PHE A 58 1.18 -6.45 7.50
C PHE A 58 0.27 -5.25 7.76
N VAL A 59 -0.76 -5.07 6.94
CA VAL A 59 -1.68 -3.96 7.15
C VAL A 59 -2.55 -4.21 8.38
N MET A 60 -3.16 -5.40 8.47
CA MET A 60 -4.00 -5.71 9.62
C MET A 60 -3.20 -5.69 10.91
N PHE A 61 -1.91 -6.00 10.85
CA PHE A 61 -1.07 -5.95 12.04
C PHE A 61 -0.79 -4.51 12.46
N VAL A 62 -0.36 -3.67 11.50
CA VAL A 62 -0.05 -2.28 11.82
C VAL A 62 -1.32 -1.52 12.18
N TRP A 63 -2.43 -1.84 11.53
CA TRP A 63 -3.70 -1.19 11.85
C TRP A 63 -4.12 -1.48 13.29
N SER A 64 -4.11 -2.76 13.67
CA SER A 64 -4.47 -3.13 15.03
C SER A 64 -3.47 -2.58 16.04
N TYR A 65 -2.17 -2.67 15.73
CA TYR A 65 -1.15 -2.15 16.63
C TYR A 65 -1.33 -0.64 16.87
N TRP A 66 -1.51 0.12 15.79
CA TRP A 66 -1.72 1.55 15.91
C TRP A 66 -2.94 1.87 16.78
N MET A 67 -4.05 1.14 16.56
CA MET A 67 -5.27 1.40 17.31
C MET A 67 -5.08 1.13 18.79
N THR A 68 -4.32 0.08 19.13
CA THR A 68 -4.09 -0.24 20.54
C THR A 68 -3.25 0.81 21.23
N ILE A 69 -2.41 1.53 20.48
CA ILE A 69 -1.51 2.51 21.08
C ILE A 69 -2.23 3.82 21.35
N PHE A 70 -2.91 4.37 20.33
CA PHE A 70 -3.40 5.73 20.37
C PHE A 70 -4.86 5.83 20.77
N THR A 71 -5.58 4.73 20.95
CA THR A 71 -6.91 4.79 21.53
C THR A 71 -6.76 5.13 23.01
N SER A 72 -7.13 6.35 23.38
CA SER A 72 -6.99 6.76 24.77
C SER A 72 -7.96 5.98 25.65
N PRO A 73 -7.54 5.58 26.85
CA PRO A 73 -8.42 4.79 27.71
C PRO A 73 -9.55 5.64 28.28
N ALA A 74 -10.73 5.04 28.38
CA ALA A 74 -11.87 5.75 28.91
C ALA A 74 -11.74 5.91 30.42
N SER A 75 -12.18 7.06 30.91
CA SER A 75 -12.16 7.41 32.32
C SER A 75 -13.59 7.51 32.84
N PRO A 76 -13.78 7.42 34.15
CA PRO A 76 -15.15 7.50 34.68
C PRO A 76 -15.80 8.83 34.35
N SER A 77 -17.11 8.79 34.12
CA SER A 77 -17.87 9.97 33.78
C SER A 77 -17.90 10.95 34.94
N LYS A 78 -18.42 12.14 34.66
CA LYS A 78 -18.57 13.20 35.65
C LYS A 78 -19.40 12.79 36.86
N GLU A 79 -20.31 11.84 36.70
CA GLU A 79 -21.21 11.47 37.79
C GLU A 79 -20.50 10.74 38.93
N PHE A 80 -19.44 10.00 38.63
CA PHE A 80 -18.74 9.23 39.66
C PHE A 80 -17.82 10.08 40.53
N TYR A 81 -17.53 11.33 40.15
CA TYR A 81 -16.64 12.18 40.91
C TYR A 81 -17.37 12.79 42.11
N LEU A 82 -16.65 12.94 43.21
CA LEU A 82 -17.18 13.62 44.38
C LEU A 82 -17.31 15.12 44.09
N SER A 83 -18.49 15.68 44.35
CA SER A 83 -18.67 17.10 44.14
C SER A 83 -17.85 17.89 45.16
N ASN A 84 -17.55 19.14 44.80
CA ASN A 84 -16.69 19.98 45.64
C ASN A 84 -17.23 20.16 47.05
N SER A 85 -18.53 19.93 47.27
CA SER A 85 -19.08 19.99 48.62
C SER A 85 -18.83 18.69 49.38
N GLU A 86 -19.14 17.55 48.75
CA GLU A 86 -19.04 16.27 49.46
C GLU A 86 -17.59 15.84 49.65
N LYS A 87 -16.70 16.24 48.74
CA LYS A 87 -15.30 15.89 48.92
C LYS A 87 -14.65 16.70 50.03
N GLU A 88 -15.19 17.88 50.36
CA GLU A 88 -14.73 18.59 51.55
C GLU A 88 -15.12 17.84 52.81
N ARG A 89 -16.39 17.43 52.89
CA ARG A 89 -16.87 16.66 54.04
C ARG A 89 -16.06 15.39 54.22
N TYR A 90 -15.64 14.77 53.12
CA TYR A 90 -14.84 13.55 53.20
C TYR A 90 -13.43 13.86 53.69
N GLU A 91 -12.82 14.94 53.21
CA GLU A 91 -11.48 15.29 53.65
C GLU A 91 -11.49 15.86 55.07
N LYS A 92 -12.58 16.54 55.45
CA LYS A 92 -12.68 17.06 56.81
C LYS A 92 -12.87 15.95 57.82
N GLU A 93 -13.56 14.88 57.41
CA GLU A 93 -13.90 13.81 58.34
C GLU A 93 -12.66 13.01 58.73
N PHE A 94 -12.60 12.63 60.01
CA PHE A 94 -11.51 11.81 60.53
C PHE A 94 -11.91 10.38 60.86
N SER A 95 -13.18 10.11 61.10
CA SER A 95 -13.64 8.76 61.39
C SER A 95 -13.97 8.02 60.10
N GLN A 96 -13.36 6.83 59.94
CA GLN A 96 -13.60 6.04 58.74
C GLN A 96 -15.05 5.63 58.61
N GLU A 97 -15.76 5.46 59.73
CA GLU A 97 -17.17 5.09 59.68
C GLU A 97 -17.99 6.17 58.97
N ARG A 98 -17.74 7.44 59.33
CA ARG A 98 -18.46 8.52 58.67
C ARG A 98 -17.97 8.77 57.26
N GLN A 99 -16.71 8.42 56.97
CA GLN A 99 -16.22 8.51 55.60
C GLN A 99 -16.99 7.55 54.69
N GLN A 100 -17.19 6.32 55.16
CA GLN A 100 -17.94 5.34 54.38
C GLN A 100 -19.38 5.79 54.17
N GLU A 101 -19.98 6.43 55.17
CA GLU A 101 -21.35 6.91 55.04
C GLU A 101 -21.46 7.97 53.94
N ILE A 102 -20.44 8.82 53.81
CA ILE A 102 -20.44 9.82 52.74
C ILE A 102 -20.36 9.15 51.38
N LEU A 103 -19.49 8.16 51.24
CA LEU A 103 -19.34 7.47 49.96
C LEU A 103 -20.55 6.59 49.64
N ARG A 104 -21.17 5.97 50.65
CA ARG A 104 -22.29 5.09 50.38
C ARG A 104 -23.53 5.84 49.91
N ARG A 105 -23.70 7.09 50.36
CA ARG A 105 -24.89 7.85 49.98
C ARG A 105 -24.82 8.27 48.51
N ALA A 106 -23.64 8.68 48.06
CA ALA A 106 -23.47 9.04 46.66
C ALA A 106 -23.46 7.81 45.77
N ALA A 107 -22.81 6.73 46.22
CA ALA A 107 -22.69 5.53 45.40
C ALA A 107 -24.03 4.85 45.15
N ARG A 108 -24.96 4.93 46.11
CA ARG A 108 -26.26 4.30 45.92
C ARG A 108 -27.10 5.01 44.87
N ALA A 109 -26.68 6.19 44.42
CA ALA A 109 -27.28 6.85 43.26
C ALA A 109 -26.52 6.54 41.97
N LEU A 110 -25.70 5.50 41.97
CA LEU A 110 -24.87 5.11 40.85
C LEU A 110 -25.00 3.62 40.58
N PRO A 111 -24.87 3.19 39.33
CA PRO A 111 -25.01 1.77 39.01
C PRO A 111 -23.82 0.93 39.46
N ILE A 112 -23.65 0.77 40.77
CA ILE A 112 -22.52 0.05 41.34
C ILE A 112 -23.05 -1.21 42.02
N TYR A 113 -22.51 -2.37 41.61
CA TYR A 113 -22.89 -3.66 42.16
C TYR A 113 -21.74 -4.39 42.82
N THR A 114 -20.58 -3.74 42.98
CA THR A 114 -19.41 -4.36 43.58
C THR A 114 -18.87 -3.48 44.69
N THR A 115 -18.13 -4.10 45.60
CA THR A 115 -17.46 -3.43 46.70
C THR A 115 -16.02 -3.92 46.79
N SER A 116 -15.28 -3.41 47.77
CA SER A 116 -13.92 -3.84 48.01
C SER A 116 -13.90 -5.17 48.75
N ALA A 117 -12.69 -5.71 48.97
CA ALA A 117 -12.57 -6.95 49.73
C ALA A 117 -13.10 -6.81 51.15
N SER A 118 -12.99 -5.61 51.73
CA SER A 118 -13.54 -5.33 53.05
C SER A 118 -14.96 -4.78 52.98
N LYS A 119 -15.67 -5.00 51.86
CA LYS A 119 -17.05 -4.55 51.67
C LYS A 119 -17.18 -3.05 51.83
N THR A 120 -16.11 -2.32 51.51
CA THR A 120 -16.10 -0.86 51.50
C THR A 120 -16.30 -0.38 50.06
N ILE A 121 -16.85 0.84 49.93
CA ILE A 121 -17.10 1.40 48.62
C ILE A 121 -15.77 1.61 47.90
N ARG A 122 -15.67 1.08 46.68
CA ARG A 122 -14.45 1.21 45.89
C ARG A 122 -14.24 2.68 45.52
N TYR A 123 -13.24 3.31 46.14
CA TYR A 123 -13.00 4.73 46.01
C TYR A 123 -11.54 4.97 45.66
N CYS A 124 -11.29 5.99 44.85
CA CYS A 124 -9.96 6.36 44.41
C CYS A 124 -9.51 7.60 45.19
N GLU A 125 -8.45 7.44 45.99
CA GLU A 125 -7.97 8.55 46.81
C GLU A 125 -7.38 9.66 45.95
N LYS A 126 -6.66 9.28 44.89
CA LYS A 126 -5.99 10.27 44.04
C LYS A 126 -6.98 10.99 43.13
N CYS A 127 -7.79 10.23 42.39
CA CYS A 127 -8.75 10.84 41.47
C CYS A 127 -9.92 11.48 42.18
N GLN A 128 -10.13 11.16 43.46
CA GLN A 128 -11.27 11.65 44.24
C GLN A 128 -12.60 11.32 43.54
N LEU A 129 -12.74 10.06 43.14
CA LEU A 129 -13.96 9.57 42.53
C LEU A 129 -14.29 8.20 43.10
N ILE A 130 -15.54 7.78 42.91
CA ILE A 130 -15.97 6.44 43.28
C ILE A 130 -15.80 5.56 42.05
N LYS A 131 -14.93 4.57 42.14
CA LYS A 131 -14.60 3.73 40.99
C LYS A 131 -15.84 3.01 40.49
N PRO A 132 -16.16 3.12 39.19
CA PRO A 132 -17.19 2.25 38.62
C PRO A 132 -16.76 0.78 38.70
N ASP A 133 -17.73 -0.11 38.53
CA ASP A 133 -17.43 -1.53 38.51
C ASP A 133 -16.39 -1.85 37.45
N ARG A 134 -15.44 -2.72 37.80
CA ARG A 134 -14.36 -3.22 36.96
C ARG A 134 -13.31 -2.16 36.66
N ALA A 135 -13.47 -0.93 37.14
CA ALA A 135 -12.49 0.13 36.89
C ALA A 135 -11.43 0.13 37.98
N HIS A 136 -10.19 0.43 37.59
CA HIS A 136 -9.07 0.44 38.51
C HIS A 136 -8.15 1.60 38.15
N HIS A 137 -7.37 2.04 39.14
CA HIS A 137 -6.43 3.12 38.97
C HIS A 137 -5.07 2.58 38.52
N CYS A 138 -4.48 3.23 37.52
CA CYS A 138 -3.18 2.86 36.99
C CYS A 138 -2.20 3.98 37.28
N SER A 139 -1.17 3.69 38.07
CA SER A 139 -0.18 4.70 38.42
C SER A 139 0.70 5.10 37.24
N ALA A 140 0.70 4.31 36.16
CA ALA A 140 1.42 4.73 34.96
C ALA A 140 0.62 5.76 34.18
N CYS A 141 -0.66 5.47 33.93
CA CYS A 141 -1.55 6.45 33.33
C CYS A 141 -1.98 7.53 34.32
N ASP A 142 -1.77 7.31 35.61
CA ASP A 142 -2.18 8.23 36.67
C ASP A 142 -3.66 8.61 36.53
N SER A 143 -4.51 7.58 36.42
CA SER A 143 -5.93 7.79 36.22
C SER A 143 -6.64 6.46 36.45
N CYS A 144 -7.96 6.53 36.59
CA CYS A 144 -8.80 5.34 36.67
C CYS A 144 -9.23 4.93 35.27
N ILE A 145 -9.13 3.63 34.98
CA ILE A 145 -9.38 3.09 33.65
C ILE A 145 -10.62 2.21 33.70
N LEU A 146 -11.57 2.47 32.81
CA LEU A 146 -12.79 1.68 32.77
C LEU A 146 -12.50 0.28 32.26
N LYS A 147 -13.08 -0.71 32.92
CA LYS A 147 -12.82 -2.14 32.68
C LYS A 147 -11.33 -2.37 32.40
N MET A 148 -10.50 -1.88 33.32
CA MET A 148 -9.05 -1.98 33.14
C MET A 148 -8.61 -3.44 33.12
N ASP A 149 -7.84 -3.80 32.10
CA ASP A 149 -7.26 -5.14 32.00
C ASP A 149 -5.83 -5.15 32.52
N HIS A 150 -4.96 -4.30 31.95
CA HIS A 150 -3.58 -4.15 32.41
C HIS A 150 -2.90 -3.04 31.62
N HIS A 151 -1.89 -2.40 32.23
CA HIS A 151 -1.09 -1.40 31.53
C HIS A 151 -0.02 -2.12 30.71
N CYS A 152 -0.24 -2.22 29.41
CA CYS A 152 0.67 -2.95 28.56
C CYS A 152 1.83 -2.04 28.15
N PRO A 153 3.07 -2.35 28.53
CA PRO A 153 4.19 -1.45 28.20
C PRO A 153 4.49 -1.38 26.71
N TRP A 154 4.22 -2.47 25.97
CA TRP A 154 4.60 -2.52 24.56
C TRP A 154 3.79 -1.56 23.69
N VAL A 155 2.68 -1.01 24.17
CA VAL A 155 1.91 -0.02 23.44
C VAL A 155 1.91 1.34 24.13
N ASN A 156 2.65 1.49 25.22
CA ASN A 156 2.72 2.76 25.96
C ASN A 156 1.34 3.31 26.29
N ASN A 157 0.41 2.41 26.58
CA ASN A 157 -0.96 2.79 26.86
C ASN A 157 -1.59 1.72 27.73
N CYS A 158 -2.71 2.07 28.36
CA CYS A 158 -3.47 1.11 29.14
C CYS A 158 -4.42 0.34 28.23
N VAL A 159 -4.57 -0.96 28.50
CA VAL A 159 -5.50 -1.82 27.79
C VAL A 159 -6.76 -1.90 28.65
N GLY A 160 -7.79 -1.16 28.28
CA GLY A 160 -9.02 -1.08 29.04
C GLY A 160 -10.23 -1.35 28.16
N PHE A 161 -11.36 -0.76 28.55
CA PHE A 161 -12.61 -0.98 27.83
C PHE A 161 -12.51 -0.51 26.39
N SER A 162 -11.83 0.62 26.16
CA SER A 162 -11.72 1.15 24.80
C SER A 162 -10.71 0.36 23.97
N ASN A 163 -9.64 -0.11 24.59
CA ASN A 163 -8.53 -0.73 23.87
C ASN A 163 -8.72 -2.23 23.63
N TYR A 164 -9.53 -2.90 24.47
CA TYR A 164 -9.40 -4.35 24.63
C TYR A 164 -9.58 -5.09 23.32
N LYS A 165 -10.61 -4.76 22.55
CA LYS A 165 -10.83 -5.46 21.28
C LYS A 165 -9.69 -5.19 20.29
N PHE A 166 -9.16 -3.97 20.31
CA PHE A 166 -7.99 -3.67 19.48
C PHE A 166 -6.77 -4.45 19.94
N PHE A 167 -6.54 -4.49 21.25
CA PHE A 167 -5.44 -5.26 21.82
C PHE A 167 -5.54 -6.73 21.44
N LEU A 168 -6.75 -7.29 21.48
CA LEU A 168 -6.94 -8.69 21.11
C LEU A 168 -6.63 -8.91 19.62
N LEU A 169 -7.17 -8.04 18.77
CA LEU A 169 -6.89 -8.13 17.34
C LEU A 169 -5.40 -7.93 17.06
N PHE A 170 -4.76 -7.04 17.82
CA PHE A 170 -3.31 -6.87 17.69
C PHE A 170 -2.59 -8.19 17.96
N LEU A 171 -3.02 -8.92 18.98
CA LEU A 171 -2.43 -10.24 19.25
C LEU A 171 -2.75 -11.21 18.10
N LEU A 172 -4.01 -11.24 17.67
CA LEU A 172 -4.41 -12.15 16.61
C LEU A 172 -3.58 -11.95 15.34
N TYR A 173 -3.53 -10.72 14.85
CA TYR A 173 -2.77 -10.44 13.63
C TYR A 173 -1.27 -10.54 13.84
N SER A 174 -0.80 -10.52 15.10
CA SER A 174 0.62 -10.76 15.36
C SER A 174 0.97 -12.22 15.09
N LEU A 175 0.16 -13.16 15.58
CA LEU A 175 0.40 -14.57 15.29
C LEU A 175 0.29 -14.83 13.79
N LEU A 176 -0.73 -14.29 13.14
CA LEU A 176 -0.92 -14.51 11.71
C LEU A 176 0.25 -13.93 10.91
N TYR A 177 0.66 -12.70 11.24
CA TYR A 177 1.81 -12.10 10.59
C TYR A 177 3.06 -12.95 10.76
N CYS A 178 3.31 -13.42 11.99
CA CYS A 178 4.51 -14.19 12.26
C CYS A 178 4.40 -15.62 11.73
N LEU A 179 3.21 -16.23 11.82
CA LEU A 179 3.03 -17.58 11.29
C LEU A 179 3.21 -17.60 9.78
N PHE A 180 2.62 -16.63 9.08
CA PHE A 180 2.76 -16.58 7.63
C PHE A 180 4.22 -16.42 7.22
N VAL A 181 4.97 -15.56 7.92
CA VAL A 181 6.38 -15.39 7.63
C VAL A 181 7.12 -16.71 7.86
N ALA A 182 6.94 -17.31 9.03
CA ALA A 182 7.65 -18.55 9.35
C ALA A 182 7.31 -19.66 8.38
N ALA A 183 6.04 -19.77 7.98
CA ALA A 183 5.64 -20.86 7.08
C ALA A 183 6.19 -20.66 5.67
N THR A 184 6.38 -19.42 5.24
CA THR A 184 6.86 -19.15 3.89
C THR A 184 8.37 -19.05 3.81
N VAL A 185 9.01 -18.50 4.84
CA VAL A 185 10.47 -18.44 4.85
C VAL A 185 11.09 -19.80 5.16
N LEU A 186 10.32 -20.72 5.74
CA LEU A 186 10.85 -22.03 6.11
C LEU A 186 11.41 -22.76 4.89
N GLU A 187 10.62 -22.86 3.81
CA GLU A 187 11.07 -23.52 2.60
C GLU A 187 12.41 -22.96 2.13
N TYR A 188 12.62 -21.65 2.32
CA TYR A 188 13.87 -21.01 1.98
C TYR A 188 14.84 -20.94 3.15
N PHE A 189 14.35 -21.02 4.39
CA PHE A 189 15.24 -21.18 5.53
C PHE A 189 16.00 -22.49 5.45
N ILE A 190 15.33 -23.56 5.00
CA ILE A 190 16.01 -24.84 4.80
C ILE A 190 17.12 -24.68 3.78
N LYS A 191 16.86 -23.93 2.70
CA LYS A 191 17.86 -23.75 1.66
C LYS A 191 19.01 -22.88 2.14
N PHE A 192 18.70 -21.84 2.93
CA PHE A 192 19.73 -20.90 3.36
C PHE A 192 20.78 -21.58 4.23
N TRP A 193 20.35 -22.51 5.10
CA TRP A 193 21.31 -23.26 5.90
C TRP A 193 22.03 -24.30 5.06
N THR A 194 21.30 -25.02 4.20
CA THR A 194 21.89 -26.03 3.34
C THR A 194 22.37 -25.41 2.02
N THR A 198 23.16 -18.48 -0.94
CA THR A 198 24.39 -18.17 -0.22
C THR A 198 24.68 -16.67 -0.23
N ASP A 199 23.67 -15.88 -0.60
CA ASP A 199 23.82 -14.43 -0.65
C ASP A 199 24.19 -13.89 0.74
N THR A 200 25.17 -12.99 0.77
CA THR A 200 25.71 -12.54 2.05
C THR A 200 24.68 -11.74 2.84
N ARG A 201 24.04 -10.77 2.20
CA ARG A 201 23.08 -9.92 2.90
C ARG A 201 21.75 -10.65 3.11
N ALA A 202 21.30 -11.41 2.12
CA ALA A 202 19.99 -12.08 2.22
C ALA A 202 19.94 -13.09 3.35
N LYS A 203 21.06 -13.79 3.62
CA LYS A 203 21.04 -14.81 4.67
C LYS A 203 20.85 -14.18 6.04
N PHE A 204 21.55 -13.07 6.31
CA PHE A 204 21.43 -12.42 7.63
C PHE A 204 19.99 -12.07 7.93
N HIS A 205 19.25 -11.58 6.94
CA HIS A 205 17.87 -11.17 7.16
C HIS A 205 16.91 -12.36 7.12
N VAL A 206 17.15 -13.32 6.21
CA VAL A 206 16.29 -14.49 6.13
C VAL A 206 16.47 -15.37 7.35
N LEU A 207 17.72 -15.58 7.79
CA LEU A 207 17.96 -16.35 9.01
C LEU A 207 17.31 -15.68 10.21
N PHE A 208 17.51 -14.37 10.35
CA PHE A 208 16.85 -13.64 11.43
C PHE A 208 15.33 -13.67 11.29
N LEU A 209 14.83 -13.66 10.04
CA LEU A 209 13.38 -13.63 9.83
C LEU A 209 12.68 -14.85 10.39
N PHE A 210 13.27 -16.03 10.19
CA PHE A 210 12.55 -17.26 10.54
C PHE A 210 12.37 -17.39 12.05
N PHE A 211 13.45 -17.24 12.82
CA PHE A 211 13.34 -17.51 14.25
C PHE A 211 12.88 -16.30 15.06
N VAL A 212 12.97 -15.08 14.53
CA VAL A 212 12.29 -13.96 15.16
C VAL A 212 10.78 -14.13 15.03
N SER A 213 10.32 -14.57 13.86
CA SER A 213 8.89 -14.86 13.68
C SER A 213 8.48 -16.07 14.52
N ALA A 214 9.35 -17.07 14.63
CA ALA A 214 9.04 -18.25 15.42
C ALA A 214 9.04 -17.93 16.92
N MET A 215 10.06 -17.19 17.37
CA MET A 215 10.11 -16.82 18.80
C MET A 215 8.91 -15.96 19.18
N PHE A 216 8.57 -14.99 18.34
CA PHE A 216 7.39 -14.17 18.62
C PHE A 216 6.11 -15.00 18.55
N PHE A 217 6.08 -16.01 17.66
CA PHE A 217 4.88 -16.83 17.57
C PHE A 217 4.69 -17.66 18.84
N ILE A 218 5.73 -18.40 19.25
CA ILE A 218 5.61 -19.26 20.43
C ILE A 218 5.35 -18.43 21.68
N SER A 219 5.87 -17.21 21.73
CA SER A 219 5.66 -16.35 22.91
C SER A 219 4.25 -15.77 22.92
N VAL A 220 3.87 -15.06 21.86
CA VAL A 220 2.58 -14.38 21.83
C VAL A 220 1.43 -15.37 21.79
N LEU A 221 1.65 -16.59 21.28
CA LEU A 221 0.58 -17.58 21.22
C LEU A 221 0.07 -17.93 22.60
N SER A 222 0.96 -17.99 23.59
CA SER A 222 0.54 -18.27 24.96
C SER A 222 -0.42 -17.20 25.47
N LEU A 223 -0.10 -15.93 25.23
CA LEU A 223 -0.98 -14.85 25.66
C LEU A 223 -2.33 -14.91 24.96
N PHE A 224 -2.33 -15.27 23.67
CA PHE A 224 -3.59 -15.29 22.92
C PHE A 224 -4.54 -16.36 23.45
N SER A 225 -4.02 -17.55 23.74
CA SER A 225 -4.86 -18.58 24.36
C SER A 225 -5.31 -18.16 25.74
N TYR A 226 -4.47 -17.39 26.45
CA TYR A 226 -4.83 -16.89 27.78
C TYR A 226 -6.04 -15.97 27.70
N HIS A 227 -6.08 -15.06 26.71
CA HIS A 227 -7.17 -14.11 26.62
C HIS A 227 -8.44 -14.71 26.04
N CYS A 228 -8.33 -15.74 25.20
CA CYS A 228 -9.52 -16.43 24.74
C CYS A 228 -10.30 -17.04 25.89
N TRP A 229 -9.58 -17.51 26.92
CA TRP A 229 -10.23 -17.88 28.17
C TRP A 229 -10.90 -16.67 28.80
N LEU A 230 -10.19 -15.54 28.86
CA LEU A 230 -10.67 -14.38 29.60
C LEU A 230 -11.93 -13.79 28.97
N VAL A 231 -11.98 -13.72 27.63
CA VAL A 231 -13.12 -13.11 26.97
C VAL A 231 -14.39 -13.94 27.20
N GLY A 232 -14.28 -15.27 27.10
CA GLY A 232 -15.42 -16.13 27.34
C GLY A 232 -15.89 -16.15 28.77
N LYS A 233 -15.00 -15.85 29.72
CA LYS A 233 -15.36 -15.80 31.14
C LYS A 233 -15.81 -14.41 31.57
N ASN A 234 -15.69 -13.41 30.70
CA ASN A 234 -15.98 -12.01 31.03
C ASN A 234 -15.22 -11.58 32.28
N ARG A 235 -13.90 -11.80 32.25
CA ARG A 235 -13.01 -11.42 33.33
C ARG A 235 -11.82 -10.67 32.76
N THR A 236 -11.49 -9.53 33.35
CA THR A 236 -10.24 -8.85 33.03
C THR A 236 -9.07 -9.56 33.71
N THR A 237 -7.85 -9.17 33.33
CA THR A 237 -6.66 -9.74 33.94
C THR A 237 -6.61 -9.42 35.43
N ILE A 238 -7.01 -8.21 35.81
CA ILE A 238 -7.05 -7.84 37.22
C ILE A 238 -8.04 -8.73 37.97
N GLU A 239 -9.23 -8.92 37.39
CA GLU A 239 -10.25 -9.75 38.03
C GLU A 239 -9.82 -11.21 38.10
N SER A 240 -8.97 -11.64 37.16
CA SER A 240 -8.48 -13.02 37.19
C SER A 240 -7.54 -13.28 38.36
N PHE A 241 -7.04 -12.23 39.01
CA PHE A 241 -6.26 -12.37 40.23
C PHE A 241 -7.05 -12.03 41.48
N ARG A 242 -8.04 -11.14 41.37
CA ARG A 242 -8.88 -10.75 42.50
C ARG A 242 -10.31 -10.68 41.98
N ALA A 243 -11.09 -11.73 42.23
CA ALA A 243 -12.47 -11.75 41.79
C ALA A 243 -13.24 -10.62 42.45
N PRO A 244 -14.11 -9.93 41.72
CA PRO A 244 -14.87 -8.82 42.32
C PRO A 244 -15.83 -9.33 43.38
N THR A 245 -16.04 -8.49 44.39
CA THR A 245 -16.94 -8.81 45.50
C THR A 245 -18.25 -8.08 45.29
N PHE A 246 -19.33 -8.84 45.17
CA PHE A 246 -20.66 -8.30 44.92
C PHE A 246 -21.45 -8.23 46.23
N SER A 247 -22.73 -7.87 46.13
CA SER A 247 -23.60 -7.86 47.30
C SER A 247 -23.77 -9.25 47.89
N TYR A 248 -23.52 -10.31 47.11
CA TYR A 248 -23.64 -11.68 47.58
C TYR A 248 -22.29 -12.35 47.78
N GLY A 249 -21.20 -11.56 47.82
CA GLY A 249 -19.89 -12.10 48.06
C GLY A 249 -19.04 -12.16 46.81
N PRO A 250 -17.80 -12.65 46.95
CA PRO A 250 -16.92 -12.77 45.78
C PRO A 250 -17.51 -13.72 44.75
N ASP A 251 -17.33 -13.38 43.48
CA ASP A 251 -17.86 -14.19 42.39
C ASP A 251 -16.99 -13.97 41.16
N GLY A 252 -16.18 -14.96 40.80
CA GLY A 252 -15.40 -14.89 39.58
C GLY A 252 -16.24 -14.82 38.33
N ASN A 253 -17.50 -15.24 38.40
CA ASN A 253 -18.41 -15.24 37.26
C ASN A 253 -19.52 -14.21 37.41
N GLY A 254 -19.25 -13.14 38.16
CA GLY A 254 -20.31 -12.19 38.46
C GLY A 254 -20.78 -11.39 37.27
N PHE A 255 -19.91 -11.15 36.29
CA PHE A 255 -20.27 -10.43 35.08
C PHE A 255 -20.49 -11.35 33.88
N SER A 256 -20.38 -12.66 34.08
CA SER A 256 -20.53 -13.60 32.97
C SER A 256 -21.99 -13.71 32.54
N LEU A 257 -22.21 -13.75 31.23
CA LEU A 257 -23.53 -13.89 30.64
C LEU A 257 -23.63 -15.12 29.75
N GLY A 258 -22.72 -16.06 29.91
CA GLY A 258 -22.59 -17.16 28.97
C GLY A 258 -21.48 -16.89 27.97
N CYS A 259 -20.92 -17.98 27.44
CA CYS A 259 -19.73 -17.86 26.58
C CYS A 259 -20.02 -17.02 25.35
N SER A 260 -21.15 -17.28 24.68
CA SER A 260 -21.47 -16.53 23.46
C SER A 260 -21.68 -15.05 23.75
N LYS A 261 -22.49 -14.74 24.76
CA LYS A 261 -22.80 -13.34 25.06
C LYS A 261 -21.61 -12.57 25.64
N ASN A 262 -20.64 -13.27 26.24
CA ASN A 262 -19.46 -12.58 26.77
C ASN A 262 -18.58 -12.05 25.64
N TRP A 263 -18.38 -12.86 24.59
CA TRP A 263 -17.62 -12.39 23.44
C TRP A 263 -18.28 -11.18 22.78
N ARG A 264 -19.61 -11.18 22.69
CA ARG A 264 -20.32 -10.08 22.06
C ARG A 264 -20.23 -8.80 22.85
N GLN A 265 -19.92 -8.87 24.15
CA GLN A 265 -19.67 -7.66 24.92
C GLN A 265 -18.41 -6.94 24.45
N VAL A 266 -17.44 -7.69 23.93
CA VAL A 266 -16.17 -7.12 23.48
C VAL A 266 -16.21 -6.82 21.98
N PHE A 267 -16.71 -7.76 21.18
CA PHE A 267 -16.69 -7.63 19.72
C PHE A 267 -17.99 -7.10 19.15
N GLY A 268 -19.08 -7.15 19.91
CA GLY A 268 -20.34 -6.58 19.46
C GLY A 268 -21.22 -7.56 18.73
N ASP A 269 -22.37 -7.03 18.31
CA ASP A 269 -23.37 -7.79 17.57
C ASP A 269 -23.17 -7.72 16.07
N GLU A 270 -22.50 -6.68 15.58
CA GLU A 270 -22.24 -6.53 14.16
C GLU A 270 -21.12 -7.49 13.77
N LYS A 271 -21.48 -8.52 13.01
CA LYS A 271 -20.52 -9.57 12.67
C LYS A 271 -19.41 -9.06 11.77
N LYS A 272 -19.69 -8.02 10.97
CA LYS A 272 -18.71 -7.51 10.02
C LYS A 272 -17.56 -6.78 10.69
N TYR A 273 -17.72 -6.33 11.94
CA TYR A 273 -16.69 -5.57 12.64
C TYR A 273 -15.83 -6.42 13.56
N TRP A 274 -16.08 -7.73 13.63
CA TRP A 274 -15.37 -8.58 14.58
C TRP A 274 -13.87 -8.60 14.32
N LEU A 275 -13.46 -8.73 13.06
CA LEU A 275 -12.06 -8.83 12.70
C LEU A 275 -11.39 -7.49 12.43
N LEU A 276 -12.11 -6.38 12.55
CA LEU A 276 -11.58 -5.08 12.18
C LEU A 276 -11.28 -4.24 13.41
N PRO A 277 -10.14 -3.51 13.41
CA PRO A 277 -9.81 -2.67 14.57
C PRO A 277 -10.70 -1.42 14.67
N ILE A 278 -12.01 -1.62 14.59
CA ILE A 278 -12.99 -0.55 14.72
C ILE A 278 -13.83 -0.84 15.96
N PHE A 279 -14.01 0.18 16.80
CA PHE A 279 -14.66 -0.02 18.09
C PHE A 279 -16.06 -0.60 17.90
N SER A 280 -16.30 -1.77 18.48
CA SER A 280 -17.60 -2.41 18.41
C SER A 280 -18.00 -3.05 19.73
N SER A 281 -17.46 -2.56 20.86
CA SER A 281 -17.75 -3.16 22.15
C SER A 281 -19.05 -2.61 22.72
N LEU A 282 -19.81 -3.50 23.36
CA LEU A 282 -21.09 -3.11 23.93
C LEU A 282 -20.88 -2.39 25.26
N GLY A 283 -21.86 -1.58 25.63
CA GLY A 283 -21.83 -0.87 26.90
C GLY A 283 -21.04 0.42 26.84
N ASP A 284 -20.88 1.02 28.02
CA ASP A 284 -20.17 2.27 28.17
C ASP A 284 -18.96 2.18 29.08
N GLY A 285 -18.70 1.01 29.68
CA GLY A 285 -17.57 0.83 30.56
C GLY A 285 -17.78 1.27 31.99
N CYS A 286 -18.81 2.05 32.28
CA CYS A 286 -19.11 2.48 33.64
C CYS A 286 -20.13 1.58 34.33
N SER A 287 -20.75 0.66 33.60
CA SER A 287 -21.69 -0.28 34.17
C SER A 287 -21.75 -1.51 33.28
N PHE A 288 -21.97 -2.67 33.89
CA PHE A 288 -21.91 -3.94 33.19
C PHE A 288 -23.06 -4.84 33.61
N PRO A 289 -23.60 -5.62 32.68
CA PRO A 289 -24.66 -6.58 33.05
C PRO A 289 -24.15 -7.60 34.04
N THR A 290 -24.99 -7.93 35.02
CA THR A 290 -24.65 -8.88 36.06
C THR A 290 -25.21 -10.26 35.74
N ARG A 291 -24.52 -11.28 36.23
CA ARG A 291 -25.01 -12.64 36.06
C ARG A 291 -26.32 -12.86 36.79
N LEU A 292 -26.45 -12.27 37.98
CA LEU A 292 -27.63 -12.47 38.81
C LEU A 292 -28.64 -11.34 38.57
N LEU B 2 10.88 33.50 -23.44
CA LEU B 2 10.96 32.29 -24.27
C LEU B 2 9.85 31.32 -23.88
N TRP B 3 9.15 30.79 -24.88
CA TRP B 3 8.00 29.91 -24.63
C TRP B 3 8.39 28.47 -24.37
N ARG B 4 9.69 28.12 -24.47
CA ARG B 4 10.13 26.80 -24.04
C ARG B 4 9.89 26.61 -22.55
N CYS B 5 10.08 27.66 -21.75
CA CYS B 5 9.74 27.61 -20.34
C CYS B 5 8.24 27.39 -20.15
N CYS B 6 7.41 28.05 -20.98
CA CYS B 6 5.97 27.89 -20.87
C CYS B 6 5.55 26.48 -21.30
N GLN B 7 6.22 25.92 -22.30
CA GLN B 7 5.92 24.56 -22.74
C GLN B 7 6.13 23.55 -21.62
N ARG B 8 7.19 23.73 -20.82
CA ARG B 8 7.49 22.78 -19.76
C ARG B 8 6.38 22.74 -18.71
N VAL B 9 5.84 23.90 -18.34
CA VAL B 9 4.81 23.94 -17.30
C VAL B 9 3.49 23.43 -17.85
N VAL B 10 3.05 23.96 -19.00
CA VAL B 10 1.77 23.57 -19.58
C VAL B 10 1.78 22.11 -20.03
N GLY B 11 2.96 21.53 -20.25
CA GLY B 11 3.06 20.13 -20.63
C GLY B 11 2.61 19.17 -19.56
N TRP B 12 2.62 19.58 -18.29
CA TRP B 12 2.19 18.71 -17.21
C TRP B 12 0.69 18.67 -17.03
N VAL B 13 -0.07 19.53 -17.72
CA VAL B 13 -1.52 19.56 -17.55
C VAL B 13 -2.17 18.21 -17.85
N PRO B 14 -1.87 17.53 -18.96
CA PRO B 14 -2.46 16.19 -19.14
C PRO B 14 -2.02 15.19 -18.07
N VAL B 15 -0.82 15.35 -17.53
CA VAL B 15 -0.34 14.43 -16.49
C VAL B 15 -1.09 14.68 -15.18
N LEU B 16 -1.22 15.95 -14.78
CA LEU B 16 -1.94 16.27 -13.57
C LEU B 16 -3.42 15.91 -13.68
N PHE B 17 -4.01 16.09 -14.87
CA PHE B 17 -5.40 15.72 -15.08
C PHE B 17 -5.61 14.22 -14.86
N ILE B 18 -4.78 13.40 -15.50
CA ILE B 18 -4.89 11.96 -15.31
C ILE B 18 -4.66 11.60 -13.85
N THR B 19 -3.71 12.25 -13.20
CA THR B 19 -3.45 11.99 -11.78
C THR B 19 -4.69 12.26 -10.94
N PHE B 20 -5.43 13.32 -11.27
CA PHE B 20 -6.66 13.62 -10.54
C PHE B 20 -7.70 12.51 -10.70
N VAL B 21 -7.92 12.07 -11.94
CA VAL B 21 -8.91 11.03 -12.19
C VAL B 21 -8.53 9.74 -11.47
N VAL B 22 -7.22 9.42 -11.43
CA VAL B 22 -6.79 8.19 -10.78
C VAL B 22 -6.92 8.30 -9.27
N VAL B 23 -6.52 9.42 -8.69
CA VAL B 23 -6.71 9.63 -7.25
C VAL B 23 -8.19 9.62 -6.90
N TRP B 24 -9.01 10.29 -7.72
CA TRP B 24 -10.46 10.25 -7.51
C TRP B 24 -11.00 8.82 -7.63
N SER B 25 -10.48 8.06 -8.60
CA SER B 25 -10.93 6.68 -8.76
C SER B 25 -10.56 5.83 -7.55
N TYR B 26 -9.39 6.08 -6.96
CA TYR B 26 -9.00 5.36 -5.75
C TYR B 26 -9.97 5.64 -4.61
N TYR B 27 -10.26 6.92 -4.36
CA TYR B 27 -11.22 7.28 -3.32
C TYR B 27 -12.60 6.70 -3.62
N ALA B 28 -13.05 6.81 -4.88
CA ALA B 28 -14.40 6.36 -5.22
C ALA B 28 -14.55 4.85 -5.05
N TYR B 29 -13.55 4.08 -5.48
CA TYR B 29 -13.67 2.63 -5.40
C TYR B 29 -13.46 2.12 -3.98
N VAL B 30 -12.49 2.68 -3.25
CA VAL B 30 -12.19 2.18 -1.91
C VAL B 30 -13.21 2.70 -0.90
N VAL B 31 -13.41 4.00 -0.86
CA VAL B 31 -14.25 4.59 0.20
C VAL B 31 -15.73 4.49 -0.17
N GLU B 32 -16.10 5.03 -1.33
CA GLU B 32 -17.51 5.11 -1.68
C GLU B 32 -18.07 3.74 -2.08
N LEU B 33 -17.32 2.99 -2.89
CA LEU B 33 -17.86 1.74 -3.41
C LEU B 33 -17.62 0.59 -2.45
N CYS B 34 -16.41 0.45 -1.91
CA CYS B 34 -16.10 -0.70 -1.07
C CYS B 34 -16.51 -0.51 0.38
N VAL B 35 -16.35 0.69 0.93
CA VAL B 35 -16.62 0.91 2.34
C VAL B 35 -18.08 1.26 2.59
N PHE B 36 -18.60 2.28 1.90
CA PHE B 36 -19.98 2.71 2.15
C PHE B 36 -20.98 1.74 1.54
N THR B 37 -20.73 1.29 0.31
CA THR B 37 -21.72 0.52 -0.44
C THR B 37 -21.67 -0.98 -0.16
N ILE B 38 -20.54 -1.61 -0.48
CA ILE B 38 -20.44 -3.07 -0.36
C ILE B 38 -20.42 -3.50 1.11
N PHE B 39 -19.69 -2.79 1.96
CA PHE B 39 -19.64 -3.17 3.36
C PHE B 39 -20.92 -2.84 4.10
N GLY B 40 -21.70 -1.88 3.61
CA GLY B 40 -23.05 -1.70 4.10
C GLY B 40 -23.96 -2.89 3.84
N ASN B 41 -23.66 -3.67 2.81
CA ASN B 41 -24.42 -4.87 2.49
C ASN B 41 -24.13 -6.05 3.40
N GLU B 42 -23.28 -5.87 4.41
CA GLU B 42 -23.05 -6.80 5.53
C GLU B 42 -22.26 -8.07 5.25
N GLU B 43 -21.45 -8.18 4.21
CA GLU B 43 -20.56 -9.35 4.11
C GLU B 43 -19.17 -8.90 3.66
N ASN B 44 -18.20 -9.00 4.56
CA ASN B 44 -16.85 -8.54 4.26
C ASN B 44 -16.06 -9.52 3.38
N GLY B 45 -16.68 -10.60 2.89
CA GLY B 45 -15.94 -11.51 2.03
C GLY B 45 -15.64 -10.91 0.67
N LYS B 46 -16.65 -10.31 0.04
CA LYS B 46 -16.42 -9.64 -1.24
C LYS B 46 -15.63 -8.35 -1.07
N THR B 47 -15.81 -7.66 0.05
CA THR B 47 -15.13 -6.37 0.25
C THR B 47 -13.62 -6.56 0.36
N VAL B 48 -13.17 -7.56 1.10
CA VAL B 48 -11.73 -7.80 1.23
C VAL B 48 -11.15 -8.23 -0.11
N VAL B 49 -11.84 -9.14 -0.81
CA VAL B 49 -11.36 -9.60 -2.12
C VAL B 49 -11.24 -8.43 -3.08
N TYR B 50 -12.26 -7.57 -3.13
CA TYR B 50 -12.22 -6.43 -4.03
C TYR B 50 -11.13 -5.44 -3.63
N LEU B 51 -10.99 -5.17 -2.33
CA LEU B 51 -9.97 -4.22 -1.87
C LEU B 51 -8.56 -4.77 -2.12
N VAL B 52 -8.37 -6.07 -1.92
CA VAL B 52 -7.06 -6.68 -2.19
C VAL B 52 -6.75 -6.64 -3.68
N ALA B 53 -7.67 -7.14 -4.50
CA ALA B 53 -7.47 -7.14 -5.95
C ALA B 53 -7.26 -5.73 -6.49
N PHE B 54 -8.08 -4.77 -6.02
CA PHE B 54 -7.97 -3.40 -6.52
C PHE B 54 -6.57 -2.83 -6.29
N HIS B 55 -5.97 -3.11 -5.13
CA HIS B 55 -4.65 -2.57 -4.84
C HIS B 55 -3.57 -3.20 -5.70
N LEU B 56 -3.79 -4.43 -6.19
CA LEU B 56 -2.84 -5.04 -7.11
C LEU B 56 -2.83 -4.31 -8.45
N PHE B 57 -4.01 -4.04 -9.00
CA PHE B 57 -4.10 -3.33 -10.27
C PHE B 57 -3.71 -1.86 -10.12
N PHE B 58 -4.11 -1.24 -9.01
CA PHE B 58 -3.77 0.17 -8.80
C PHE B 58 -2.27 0.38 -8.70
N VAL B 59 -1.56 -0.58 -8.09
CA VAL B 59 -0.12 -0.44 -7.95
C VAL B 59 0.57 -0.62 -9.30
N MET B 60 0.24 -1.69 -10.02
CA MET B 60 0.85 -1.93 -11.33
C MET B 60 0.52 -0.82 -12.31
N PHE B 61 -0.64 -0.18 -12.17
CA PHE B 61 -1.00 0.91 -13.07
C PHE B 61 -0.19 2.17 -12.77
N VAL B 62 -0.14 2.57 -11.51
CA VAL B 62 0.60 3.78 -11.15
C VAL B 62 2.10 3.57 -11.35
N TRP B 63 2.59 2.36 -11.11
CA TRP B 63 4.01 2.07 -11.32
C TRP B 63 4.38 2.23 -12.78
N SER B 64 3.60 1.61 -13.67
CA SER B 64 3.87 1.73 -15.10
C SER B 64 3.72 3.16 -15.59
N TYR B 65 2.67 3.85 -15.13
CA TYR B 65 2.47 5.25 -15.53
C TYR B 65 3.64 6.11 -15.09
N TRP B 66 4.07 5.96 -13.83
CA TRP B 66 5.21 6.73 -13.33
C TRP B 66 6.46 6.47 -14.17
N MET B 67 6.72 5.21 -14.51
CA MET B 67 7.93 4.88 -15.26
C MET B 67 7.89 5.48 -16.65
N THR B 68 6.72 5.50 -17.30
CA THR B 68 6.63 6.06 -18.64
C THR B 68 6.84 7.56 -18.63
N ILE B 69 6.54 8.22 -17.50
CA ILE B 69 6.67 9.68 -17.44
C ILE B 69 8.11 10.09 -17.19
N PHE B 70 8.74 9.49 -16.19
CA PHE B 70 10.03 9.96 -15.69
C PHE B 70 11.23 9.20 -16.26
N THR B 71 11.00 8.17 -17.07
CA THR B 71 12.09 7.56 -17.82
C THR B 71 12.50 8.52 -18.94
N SER B 72 13.69 9.11 -18.81
CA SER B 72 14.14 10.05 -19.81
C SER B 72 14.39 9.34 -21.13
N PRO B 73 14.04 9.95 -22.26
CA PRO B 73 14.23 9.28 -23.55
C PRO B 73 15.70 9.18 -23.91
N ALA B 74 16.07 8.06 -24.53
CA ALA B 74 17.46 7.84 -24.89
C ALA B 74 17.84 8.72 -26.09
N SER B 75 19.06 9.24 -26.05
CA SER B 75 19.61 10.07 -27.11
C SER B 75 20.77 9.36 -27.79
N PRO B 76 21.12 9.76 -29.02
CA PRO B 76 22.23 9.11 -29.72
C PRO B 76 23.55 9.30 -28.99
N SER B 77 24.42 8.31 -29.10
CA SER B 77 25.73 8.38 -28.49
C SER B 77 26.55 9.48 -29.15
N LYS B 78 27.59 9.94 -28.43
CA LYS B 78 28.38 11.06 -28.92
C LYS B 78 29.13 10.72 -30.20
N GLU B 79 29.24 9.44 -30.56
CA GLU B 79 29.86 9.08 -31.83
C GLU B 79 29.04 9.55 -33.02
N PHE B 80 27.72 9.62 -32.87
CA PHE B 80 26.85 10.05 -33.96
C PHE B 80 26.89 11.55 -34.18
N TYR B 81 27.46 12.32 -33.26
CA TYR B 81 27.56 13.76 -33.42
C TYR B 81 28.73 14.10 -34.33
N LEU B 82 28.56 15.16 -35.12
CA LEU B 82 29.65 15.65 -35.95
C LEU B 82 30.72 16.28 -35.06
N SER B 83 31.95 15.85 -35.24
CA SER B 83 33.07 16.40 -34.48
C SER B 83 33.33 17.85 -34.90
N ASN B 84 34.03 18.58 -34.02
CA ASN B 84 34.31 19.98 -34.28
C ASN B 84 35.07 20.18 -35.58
N SER B 85 35.69 19.12 -36.10
CA SER B 85 36.34 19.18 -37.41
C SER B 85 35.31 19.09 -38.54
N GLU B 86 34.38 18.15 -38.44
CA GLU B 86 33.42 17.92 -39.53
C GLU B 86 32.36 19.00 -39.59
N LYS B 87 32.06 19.66 -38.46
CA LYS B 87 31.06 20.73 -38.49
C LYS B 87 31.58 21.95 -39.22
N GLU B 88 32.90 22.15 -39.25
CA GLU B 88 33.48 23.26 -40.00
C GLU B 88 33.35 23.04 -41.50
N ARG B 89 33.95 21.96 -42.00
CA ARG B 89 33.94 21.71 -43.45
C ARG B 89 32.52 21.52 -43.98
N TYR B 90 31.61 21.02 -43.15
CA TYR B 90 30.21 20.93 -43.56
C TYR B 90 29.59 22.31 -43.68
N GLU B 91 29.92 23.21 -42.75
CA GLU B 91 29.37 24.57 -42.80
C GLU B 91 30.00 25.40 -43.90
N LYS B 92 31.26 25.13 -44.26
CA LYS B 92 31.91 25.92 -45.32
C LYS B 92 31.32 25.61 -46.69
N GLU B 93 30.91 24.37 -46.91
CA GLU B 93 30.54 23.94 -48.27
C GLU B 93 29.25 24.61 -48.71
N PHE B 94 29.20 24.96 -50.00
CA PHE B 94 28.01 25.58 -50.59
C PHE B 94 27.27 24.64 -51.53
N SER B 95 27.94 23.62 -52.06
CA SER B 95 27.30 22.63 -52.93
C SER B 95 26.70 21.54 -52.06
N GLN B 96 25.41 21.27 -52.26
CA GLN B 96 24.73 20.23 -51.49
C GLN B 96 25.30 18.85 -51.77
N GLU B 97 25.82 18.63 -52.97
CA GLU B 97 26.39 17.33 -53.33
C GLU B 97 27.56 16.98 -52.42
N ARG B 98 28.48 17.93 -52.21
CA ARG B 98 29.62 17.67 -51.34
C ARG B 98 29.22 17.64 -49.88
N GLN B 99 28.12 18.30 -49.51
CA GLN B 99 27.62 18.20 -48.15
C GLN B 99 27.22 16.78 -47.80
N GLN B 100 26.53 16.09 -48.72
CA GLN B 100 26.18 14.69 -48.49
C GLN B 100 27.42 13.81 -48.34
N GLU B 101 28.46 14.10 -49.12
CA GLU B 101 29.68 13.31 -49.03
C GLU B 101 30.33 13.44 -47.66
N ILE B 102 30.24 14.63 -47.06
CA ILE B 102 30.73 14.80 -45.69
C ILE B 102 29.91 13.95 -44.73
N LEU B 103 28.58 13.95 -44.90
CA LEU B 103 27.73 13.14 -44.03
C LEU B 103 27.88 11.66 -44.35
N ARG B 104 28.07 11.32 -45.63
CA ARG B 104 28.22 9.91 -46.01
C ARG B 104 29.49 9.31 -45.44
N ARG B 105 30.60 10.06 -45.51
CA ARG B 105 31.86 9.58 -44.95
C ARG B 105 31.75 9.32 -43.46
N ALA B 106 31.02 10.19 -42.74
CA ALA B 106 30.81 9.97 -41.32
C ALA B 106 29.85 8.82 -41.07
N ALA B 107 28.80 8.72 -41.89
CA ALA B 107 27.79 7.68 -41.68
C ALA B 107 28.36 6.28 -41.91
N ARG B 108 29.31 6.14 -42.83
CA ARG B 108 29.91 4.83 -43.08
C ARG B 108 30.79 4.35 -41.94
N ALA B 109 31.12 5.22 -40.98
CA ALA B 109 31.78 4.82 -39.75
C ALA B 109 30.81 4.58 -38.61
N LEU B 110 29.52 4.43 -38.92
CA LEU B 110 28.47 4.27 -37.94
C LEU B 110 27.56 3.11 -38.35
N PRO B 111 26.98 2.40 -37.38
CA PRO B 111 26.09 1.28 -37.72
C PRO B 111 24.77 1.77 -38.26
N ILE B 112 24.79 2.38 -39.44
CA ILE B 112 23.60 2.97 -40.07
C ILE B 112 23.26 2.16 -41.30
N TYR B 113 22.03 1.65 -41.36
CA TYR B 113 21.59 0.85 -42.49
C TYR B 113 20.38 1.46 -43.19
N THR B 114 19.97 2.67 -42.82
CA THR B 114 18.82 3.32 -43.41
C THR B 114 19.19 4.72 -43.88
N THR B 115 18.43 5.22 -44.85
CA THR B 115 18.59 6.56 -45.39
C THR B 115 17.21 7.19 -45.48
N SER B 116 17.16 8.42 -46.01
CA SER B 116 15.89 9.07 -46.21
C SER B 116 15.21 8.50 -47.45
N ALA B 117 13.99 8.96 -47.72
CA ALA B 117 13.28 8.52 -48.92
C ALA B 117 14.06 8.86 -50.18
N SER B 118 14.83 9.95 -50.15
CA SER B 118 15.66 10.36 -51.26
C SER B 118 17.07 9.77 -51.19
N LYS B 119 17.26 8.70 -50.43
CA LYS B 119 18.54 8.00 -50.31
C LYS B 119 19.66 8.92 -49.82
N THR B 120 19.31 9.94 -49.05
CA THR B 120 20.27 10.83 -48.42
C THR B 120 20.47 10.44 -46.96
N ILE B 121 21.63 10.84 -46.42
CA ILE B 121 21.95 10.53 -45.03
C ILE B 121 20.97 11.24 -44.10
N ARG B 122 20.35 10.47 -43.21
CA ARG B 122 19.42 11.02 -42.22
C ARG B 122 20.20 11.87 -41.23
N TYR B 123 20.04 13.18 -41.30
CA TYR B 123 20.83 14.12 -40.51
C TYR B 123 19.89 15.11 -39.81
N CYS B 124 20.24 15.48 -38.58
CA CYS B 124 19.46 16.42 -37.80
C CYS B 124 20.16 17.78 -37.78
N GLU B 125 19.51 18.79 -38.36
CA GLU B 125 20.10 20.12 -38.40
C GLU B 125 20.16 20.76 -37.02
N LYS B 126 19.16 20.50 -36.18
CA LYS B 126 19.11 21.15 -34.87
C LYS B 126 20.16 20.57 -33.93
N CYS B 127 20.17 19.25 -33.75
CA CYS B 127 21.15 18.61 -32.90
C CYS B 127 22.54 18.54 -33.54
N GLN B 128 22.62 18.75 -34.85
CA GLN B 128 23.87 18.61 -35.60
C GLN B 128 24.49 17.22 -35.39
N LEU B 129 23.67 16.20 -35.60
CA LEU B 129 24.11 14.82 -35.51
C LEU B 129 23.49 14.03 -36.66
N ILE B 130 24.08 12.87 -36.93
CA ILE B 130 23.54 11.95 -37.92
C ILE B 130 22.59 11.00 -37.21
N LYS B 131 21.32 11.04 -37.58
CA LYS B 131 20.31 10.25 -36.90
C LYS B 131 20.63 8.77 -36.99
N PRO B 132 20.71 8.05 -35.87
CA PRO B 132 20.78 6.59 -35.94
C PRO B 132 19.51 6.03 -36.57
N ASP B 133 19.60 4.76 -36.99
CA ASP B 133 18.43 4.08 -37.53
C ASP B 133 17.28 4.13 -36.52
N ARG B 134 16.07 4.40 -37.02
CA ARG B 134 14.81 4.46 -36.28
C ARG B 134 14.74 5.66 -35.34
N ALA B 135 15.78 6.49 -35.28
CA ALA B 135 15.79 7.65 -34.40
C ALA B 135 15.21 8.87 -35.14
N HIS B 136 14.49 9.70 -34.39
CA HIS B 136 13.84 10.89 -34.95
C HIS B 136 13.96 12.04 -33.96
N HIS B 137 13.88 13.25 -34.49
CA HIS B 137 13.94 14.46 -33.67
C HIS B 137 12.53 14.90 -33.28
N CYS B 138 12.35 15.23 -32.01
CA CYS B 138 11.08 15.72 -31.48
C CYS B 138 11.26 17.14 -30.99
N SER B 139 10.57 18.09 -31.61
CA SER B 139 10.70 19.49 -31.20
C SER B 139 10.02 19.77 -29.85
N ALA B 140 9.19 18.86 -29.36
CA ALA B 140 8.64 19.03 -28.01
C ALA B 140 9.68 18.68 -26.95
N CYS B 141 10.32 17.52 -27.09
CA CYS B 141 11.45 17.18 -26.25
C CYS B 141 12.70 17.96 -26.62
N ASP B 142 12.72 18.61 -27.79
CA ASP B 142 13.88 19.35 -28.29
C ASP B 142 15.13 18.49 -28.27
N SER B 143 15.01 17.30 -28.87
CA SER B 143 16.11 16.33 -28.88
C SER B 143 15.77 15.23 -29.88
N CYS B 144 16.79 14.45 -30.23
CA CYS B 144 16.60 13.25 -31.04
C CYS B 144 16.32 12.07 -30.11
N ILE B 145 15.32 11.27 -30.48
CA ILE B 145 14.83 10.19 -29.64
C ILE B 145 15.14 8.87 -30.32
N LEU B 146 15.81 7.97 -29.61
CA LEU B 146 16.14 6.66 -30.16
C LEU B 146 14.89 5.81 -30.29
N LYS B 147 14.77 5.14 -31.43
CA LYS B 147 13.59 4.36 -31.80
C LYS B 147 12.30 5.08 -31.41
N MET B 148 12.20 6.34 -31.83
CA MET B 148 11.05 7.16 -31.48
C MET B 148 9.77 6.56 -32.02
N ASP B 149 8.77 6.41 -31.15
CA ASP B 149 7.45 5.95 -31.55
C ASP B 149 6.51 7.13 -31.77
N HIS B 150 6.36 7.99 -30.76
CA HIS B 150 5.55 9.20 -30.85
C HIS B 150 5.70 10.01 -29.57
N HIS B 151 5.47 11.32 -29.64
CA HIS B 151 5.47 12.13 -28.44
C HIS B 151 4.11 12.04 -27.76
N PRO B 153 1.52 13.31 -24.99
CA PRO B 153 1.15 14.40 -24.09
C PRO B 153 0.65 13.89 -22.73
N TRP B 154 0.01 12.71 -22.71
CA TRP B 154 -0.55 12.19 -21.47
C TRP B 154 0.52 11.78 -20.47
N VAL B 155 1.76 11.60 -20.92
CA VAL B 155 2.89 11.36 -20.02
C VAL B 155 3.91 12.48 -20.09
N ASN B 156 3.63 13.54 -20.85
CA ASN B 156 4.55 14.68 -21.02
C ASN B 156 5.95 14.20 -21.40
N ASN B 157 6.00 13.16 -22.23
CA ASN B 157 7.27 12.56 -22.60
C ASN B 157 7.14 11.87 -23.94
N CYS B 158 8.28 11.60 -24.55
CA CYS B 158 8.34 10.82 -25.78
C CYS B 158 8.37 9.34 -25.44
N VAL B 159 7.72 8.54 -26.28
CA VAL B 159 7.74 7.08 -26.14
C VAL B 159 8.79 6.58 -27.13
N GLY B 160 9.97 6.22 -26.62
CA GLY B 160 11.08 5.80 -27.45
C GLY B 160 11.66 4.48 -27.00
N PHE B 161 12.95 4.31 -27.28
CA PHE B 161 13.62 3.04 -26.98
C PHE B 161 13.59 2.72 -25.49
N SER B 162 13.78 3.74 -24.65
CA SER B 162 13.79 3.51 -23.20
C SER B 162 12.38 3.35 -22.65
N ASN B 163 11.42 4.09 -23.19
CA ASN B 163 10.06 4.14 -22.63
C ASN B 163 9.14 3.03 -23.11
N TYR B 164 9.40 2.45 -24.27
CA TYR B 164 8.35 1.75 -25.01
C TYR B 164 7.73 0.63 -24.20
N LYS B 165 8.55 -0.22 -23.57
CA LYS B 165 7.99 -1.32 -22.80
C LYS B 165 7.20 -0.81 -21.60
N PHE B 166 7.65 0.29 -20.99
CA PHE B 166 6.89 0.88 -19.90
C PHE B 166 5.57 1.44 -20.42
N PHE B 167 5.62 2.13 -21.57
CA PHE B 167 4.41 2.64 -22.20
C PHE B 167 3.43 1.51 -22.50
N LEU B 168 3.93 0.38 -23.00
CA LEU B 168 3.06 -0.76 -23.29
C LEU B 168 2.41 -1.30 -22.02
N LEU B 169 3.22 -1.49 -20.98
CA LEU B 169 2.68 -1.94 -19.71
C LEU B 169 1.69 -0.93 -19.13
N PHE B 170 1.96 0.36 -19.32
CA PHE B 170 1.01 1.39 -18.91
C PHE B 170 -0.34 1.20 -19.57
N LEU B 171 -0.35 0.89 -20.87
CA LEU B 171 -1.61 0.62 -21.56
C LEU B 171 -2.26 -0.66 -21.03
N LEU B 172 -1.46 -1.73 -20.88
CA LEU B 172 -2.01 -3.00 -20.39
C LEU B 172 -2.66 -2.84 -19.03
N TYR B 173 -1.93 -2.29 -18.06
CA TYR B 173 -2.48 -2.13 -16.71
C TYR B 173 -3.56 -1.07 -16.64
N SER B 174 -3.65 -0.18 -17.63
CA SER B 174 -4.78 0.74 -17.70
C SER B 174 -6.05 -0.01 -18.08
N LEU B 175 -5.97 -0.87 -19.09
CA LEU B 175 -7.13 -1.67 -19.50
C LEU B 175 -7.58 -2.60 -18.38
N LEU B 176 -6.62 -3.29 -17.73
CA LEU B 176 -6.96 -4.19 -16.65
C LEU B 176 -7.59 -3.42 -15.47
N TYR B 177 -6.99 -2.29 -15.10
CA TYR B 177 -7.56 -1.46 -14.04
C TYR B 177 -8.99 -1.06 -14.36
N CYS B 178 -9.24 -0.64 -15.59
CA CYS B 178 -10.59 -0.20 -15.96
C CYS B 178 -11.54 -1.39 -16.10
N LEU B 179 -11.04 -2.52 -16.62
CA LEU B 179 -11.88 -3.71 -16.73
C LEU B 179 -12.29 -4.22 -15.36
N PHE B 180 -11.34 -4.28 -14.42
CA PHE B 180 -11.65 -4.72 -13.07
C PHE B 180 -12.68 -3.80 -12.42
N VAL B 181 -12.52 -2.49 -12.58
CA VAL B 181 -13.49 -1.55 -12.03
C VAL B 181 -14.87 -1.77 -12.66
N ALA B 182 -14.91 -1.79 -13.99
CA ALA B 182 -16.19 -1.93 -14.69
C ALA B 182 -16.88 -3.25 -14.33
N ALA B 183 -16.11 -4.33 -14.22
CA ALA B 183 -16.72 -5.64 -13.96
C ALA B 183 -17.26 -5.75 -12.55
N THR B 184 -16.65 -5.05 -11.58
CA THR B 184 -17.09 -5.14 -10.20
C THR B 184 -18.13 -4.08 -9.83
N VAL B 185 -18.00 -2.88 -10.39
CA VAL B 185 -18.97 -1.82 -10.14
C VAL B 185 -20.27 -2.05 -10.91
N LEU B 186 -20.25 -2.89 -11.96
CA LEU B 186 -21.43 -3.08 -12.78
C LEU B 186 -22.63 -3.54 -11.95
N GLU B 187 -22.45 -4.60 -11.16
CA GLU B 187 -23.53 -5.10 -10.31
C GLU B 187 -24.12 -4.01 -9.44
N TYR B 188 -23.28 -3.07 -8.98
CA TYR B 188 -23.76 -1.96 -8.18
C TYR B 188 -24.16 -0.75 -9.01
N PHE B 189 -23.63 -0.62 -10.22
CA PHE B 189 -24.14 0.38 -11.16
C PHE B 189 -25.60 0.09 -11.50
N ILE B 190 -25.94 -1.20 -11.62
CA ILE B 190 -27.33 -1.60 -11.86
C ILE B 190 -28.24 -1.11 -10.74
N LYS B 191 -27.77 -1.15 -9.49
CA LYS B 191 -28.62 -0.82 -8.36
C LYS B 191 -28.99 0.66 -8.33
N PHE B 192 -28.03 1.54 -8.60
CA PHE B 192 -28.27 2.97 -8.45
C PHE B 192 -29.29 3.50 -9.46
N TRP B 193 -29.28 2.98 -10.69
CA TRP B 193 -30.25 3.44 -11.68
C TRP B 193 -31.66 2.96 -11.35
N THR B 194 -31.79 1.69 -10.96
CA THR B 194 -33.08 1.13 -10.59
C THR B 194 -33.40 1.33 -9.11
N ASN B 195 -32.57 2.08 -8.39
CA ASN B 195 -32.88 2.59 -7.05
C ASN B 195 -32.97 1.47 -6.01
N GLU B 196 -32.12 0.44 -6.13
CA GLU B 196 -31.90 -0.45 -5.00
C GLU B 196 -31.00 0.22 -3.96
N LEU B 197 -30.05 1.02 -4.42
CA LEU B 197 -29.23 1.88 -3.57
C LEU B 197 -29.49 3.33 -3.95
N THR B 198 -29.55 4.21 -2.95
CA THR B 198 -29.94 5.60 -3.18
C THR B 198 -29.03 6.61 -2.48
N ASP B 199 -27.86 6.19 -1.99
CA ASP B 199 -26.99 7.13 -1.29
C ASP B 199 -26.58 8.27 -2.22
N THR B 200 -26.65 9.49 -1.69
CA THR B 200 -26.44 10.68 -2.51
C THR B 200 -24.99 10.77 -3.00
N ARG B 201 -24.04 10.62 -2.09
CA ARG B 201 -22.63 10.76 -2.46
C ARG B 201 -22.13 9.54 -3.22
N ALA B 202 -22.51 8.33 -2.79
CA ALA B 202 -22.05 7.12 -3.45
C ALA B 202 -22.56 7.03 -4.87
N LYS B 203 -23.74 7.59 -5.15
CA LYS B 203 -24.32 7.50 -6.49
C LYS B 203 -23.46 8.23 -7.51
N PHE B 204 -23.04 9.45 -7.18
CA PHE B 204 -22.20 10.22 -8.10
C PHE B 204 -20.90 9.49 -8.43
N HIS B 205 -20.29 8.86 -7.42
CA HIS B 205 -19.00 8.23 -7.62
C HIS B 205 -19.12 6.87 -8.28
N VAL B 206 -20.15 6.09 -7.93
CA VAL B 206 -20.33 4.78 -8.54
C VAL B 206 -20.71 4.93 -10.01
N LEU B 207 -21.62 5.86 -10.32
CA LEU B 207 -21.99 6.09 -11.71
C LEU B 207 -20.80 6.60 -12.52
N PHE B 208 -20.09 7.60 -12.00
CA PHE B 208 -18.91 8.10 -12.70
C PHE B 208 -17.83 7.04 -12.80
N LEU B 209 -17.71 6.16 -11.80
CA LEU B 209 -16.68 5.12 -11.86
C LEU B 209 -16.91 4.21 -13.05
N PHE B 210 -18.15 3.81 -13.29
CA PHE B 210 -18.43 2.87 -14.38
C PHE B 210 -18.28 3.55 -15.73
N PHE B 211 -18.81 4.76 -15.88
CA PHE B 211 -18.70 5.48 -17.13
C PHE B 211 -17.24 5.75 -17.50
N VAL B 212 -16.48 6.31 -16.56
CA VAL B 212 -15.11 6.69 -16.85
C VAL B 212 -14.25 5.47 -17.12
N SER B 213 -14.44 4.40 -16.35
CA SER B 213 -13.69 3.16 -16.61
C SER B 213 -14.09 2.52 -17.93
N ALA B 214 -15.39 2.56 -18.26
CA ALA B 214 -15.83 1.99 -19.53
C ALA B 214 -15.37 2.85 -20.71
N MET B 215 -15.39 4.17 -20.54
CA MET B 215 -14.96 5.06 -21.63
C MET B 215 -13.45 4.95 -21.85
N PHE B 216 -12.68 4.82 -20.77
CA PHE B 216 -11.23 4.64 -20.93
C PHE B 216 -10.89 3.27 -21.50
N PHE B 217 -11.67 2.25 -21.15
CA PHE B 217 -11.40 0.90 -21.67
C PHE B 217 -11.63 0.83 -23.16
N ILE B 218 -12.80 1.28 -23.63
CA ILE B 218 -13.14 1.19 -25.04
C ILE B 218 -12.17 1.99 -25.90
N SER B 219 -11.65 3.09 -25.36
CA SER B 219 -10.71 3.92 -26.11
C SER B 219 -9.32 3.28 -26.16
N VAL B 220 -8.75 2.98 -24.99
CA VAL B 220 -7.38 2.49 -24.92
C VAL B 220 -7.26 1.09 -25.54
N LEU B 221 -8.35 0.32 -25.55
CA LEU B 221 -8.26 -1.04 -26.09
C LEU B 221 -7.89 -1.03 -27.57
N SER B 222 -8.43 -0.07 -28.33
CA SER B 222 -8.07 0.03 -29.74
C SER B 222 -6.59 0.37 -29.89
N LEU B 223 -6.10 1.31 -29.10
CA LEU B 223 -4.68 1.68 -29.16
C LEU B 223 -3.79 0.51 -28.75
N PHE B 224 -4.21 -0.26 -27.73
CA PHE B 224 -3.38 -1.36 -27.24
C PHE B 224 -3.26 -2.45 -28.29
N SER B 225 -4.35 -2.80 -28.96
CA SER B 225 -4.29 -3.82 -30.02
C SER B 225 -3.42 -3.36 -31.18
N TYR B 226 -3.41 -2.06 -31.48
CA TYR B 226 -2.54 -1.54 -32.54
C TYR B 226 -1.08 -1.76 -32.21
N HIS B 227 -0.70 -1.53 -30.95
CA HIS B 227 0.71 -1.66 -30.58
C HIS B 227 1.12 -3.11 -30.41
N CYS B 228 0.19 -4.00 -30.07
CA CYS B 228 0.51 -5.42 -30.07
C CYS B 228 0.83 -5.91 -31.47
N TRP B 229 0.28 -5.26 -32.49
CA TRP B 229 0.60 -5.59 -33.87
C TRP B 229 1.90 -4.94 -34.31
N LEU B 230 2.15 -3.70 -33.87
CA LEU B 230 3.42 -3.04 -34.18
C LEU B 230 4.60 -3.82 -33.62
N VAL B 231 4.47 -4.35 -32.40
CA VAL B 231 5.58 -5.07 -31.78
C VAL B 231 5.88 -6.34 -32.57
N GLY B 232 4.84 -7.05 -33.01
CA GLY B 232 5.05 -8.26 -33.78
C GLY B 232 5.66 -8.00 -35.14
N LYS B 233 5.46 -6.80 -35.68
CA LYS B 233 6.08 -6.39 -36.93
C LYS B 233 7.41 -5.67 -36.74
N ASN B 234 7.78 -5.36 -35.49
CA ASN B 234 8.96 -4.57 -35.18
C ASN B 234 8.94 -3.24 -35.94
N ARG B 235 7.85 -2.51 -35.77
CA ARG B 235 7.65 -1.21 -36.41
C ARG B 235 7.22 -0.20 -35.35
N THR B 236 7.85 0.96 -35.36
CA THR B 236 7.34 2.08 -34.58
C THR B 236 6.11 2.65 -35.27
N THR B 237 5.40 3.54 -34.56
CA THR B 237 4.22 4.16 -35.14
C THR B 237 4.58 4.96 -36.39
N ILE B 238 5.73 5.64 -36.36
CA ILE B 238 6.18 6.39 -37.52
C ILE B 238 6.43 5.45 -38.70
N GLU B 239 7.11 4.33 -38.45
CA GLU B 239 7.45 3.40 -39.52
C GLU B 239 6.21 2.75 -40.13
N SER B 240 5.14 2.57 -39.34
CA SER B 240 3.92 1.98 -39.87
C SER B 240 3.23 2.90 -40.87
N PHE B 241 3.58 4.18 -40.90
CA PHE B 241 3.07 5.12 -41.88
C PHE B 241 4.07 5.43 -42.99
N ARG B 242 5.36 5.35 -42.70
CA ARG B 242 6.42 5.60 -43.68
C ARG B 242 7.48 4.53 -43.48
N ALA B 243 7.47 3.51 -44.34
CA ALA B 243 8.43 2.43 -44.23
C ALA B 243 9.85 2.97 -44.41
N PRO B 244 10.81 2.51 -43.60
CA PRO B 244 12.19 3.01 -43.74
C PRO B 244 12.82 2.58 -45.05
N THR B 245 13.73 3.42 -45.55
CA THR B 245 14.43 3.19 -46.80
C THR B 245 15.82 2.63 -46.50
N PHE B 246 16.10 1.42 -46.99
CA PHE B 246 17.37 0.76 -46.81
C PHE B 246 18.21 0.90 -48.08
N SER B 247 19.37 0.24 -48.13
CA SER B 247 20.20 0.27 -49.32
C SER B 247 19.49 -0.38 -50.51
N TYR B 248 18.49 -1.22 -50.27
CA TYR B 248 17.75 -1.88 -51.34
C TYR B 248 16.34 -1.32 -51.51
N GLY B 249 16.07 -0.15 -50.94
CA GLY B 249 14.78 0.49 -51.10
C GLY B 249 13.92 0.39 -49.85
N PRO B 250 12.71 0.96 -49.93
CA PRO B 250 11.80 0.92 -48.78
C PRO B 250 11.42 -0.50 -48.40
N ASP B 251 11.32 -0.74 -47.09
CA ASP B 251 10.96 -2.07 -46.58
C ASP B 251 10.29 -1.88 -45.23
N GLY B 252 8.97 -2.06 -45.18
CA GLY B 252 8.25 -2.01 -43.92
C GLY B 252 8.67 -3.10 -42.94
N ASN B 253 9.25 -4.19 -43.43
CA ASN B 253 9.68 -5.30 -42.59
C ASN B 253 11.20 -5.40 -42.53
N GLY B 254 11.90 -4.29 -42.72
CA GLY B 254 13.34 -4.31 -42.78
C GLY B 254 13.99 -4.64 -41.44
N PHE B 255 13.31 -4.30 -40.34
CA PHE B 255 13.80 -4.59 -39.00
C PHE B 255 13.14 -5.82 -38.39
N SER B 256 12.29 -6.51 -39.14
CA SER B 256 11.60 -7.67 -38.61
C SER B 256 12.55 -8.85 -38.47
N LEU B 257 12.43 -9.55 -37.34
CA LEU B 257 13.25 -10.73 -37.04
C LEU B 257 12.39 -11.96 -36.78
N GLY B 258 11.12 -11.91 -37.16
CA GLY B 258 10.16 -12.92 -36.77
C GLY B 258 9.35 -12.46 -35.57
N CYS B 259 8.12 -12.98 -35.47
CA CYS B 259 7.20 -12.51 -34.43
C CYS B 259 7.77 -12.73 -33.04
N SER B 260 8.28 -13.93 -32.78
CA SER B 260 8.80 -14.25 -31.45
C SER B 260 9.98 -13.35 -31.09
N LYS B 261 10.95 -13.21 -32.00
CA LYS B 261 12.12 -12.41 -31.69
C LYS B 261 11.82 -10.91 -31.66
N ASN B 262 10.76 -10.47 -32.34
CA ASN B 262 10.42 -9.04 -32.32
C ASN B 262 9.89 -8.64 -30.94
N TRP B 263 9.04 -9.47 -30.34
CA TRP B 263 8.59 -9.20 -28.97
C TRP B 263 9.75 -9.22 -27.99
N ARG B 264 10.68 -10.16 -28.16
CA ARG B 264 11.82 -10.26 -27.26
C ARG B 264 12.74 -9.05 -27.33
N GLN B 265 12.72 -8.32 -28.46
CA GLN B 265 13.49 -7.08 -28.53
C GLN B 265 12.99 -6.04 -27.54
N VAL B 266 11.70 -6.08 -27.23
CA VAL B 266 11.10 -5.09 -26.33
C VAL B 266 11.05 -5.60 -24.89
N PHE B 267 10.62 -6.85 -24.69
CA PHE B 267 10.41 -7.38 -23.35
C PHE B 267 11.56 -8.22 -22.83
N GLY B 268 12.44 -8.71 -23.70
CA GLY B 268 13.57 -9.51 -23.26
C GLY B 268 13.24 -10.99 -23.21
N ASP B 269 14.25 -11.77 -22.80
CA ASP B 269 14.09 -13.22 -22.71
C ASP B 269 13.64 -13.69 -21.33
N GLU B 270 13.94 -12.93 -20.27
CA GLU B 270 13.54 -13.30 -18.92
C GLU B 270 12.06 -12.96 -18.72
N LYS B 271 11.21 -13.98 -18.58
CA LYS B 271 9.78 -13.75 -18.46
C LYS B 271 9.43 -12.97 -17.19
N LYS B 272 10.28 -13.05 -16.16
CA LYS B 272 9.95 -12.41 -14.89
C LYS B 272 9.90 -10.89 -15.00
N TYR B 273 10.54 -10.31 -16.02
CA TYR B 273 10.52 -8.87 -16.23
C TYR B 273 9.51 -8.42 -17.27
N TRP B 274 8.79 -9.36 -17.90
CA TRP B 274 7.92 -9.00 -19.02
C TRP B 274 6.79 -8.08 -18.56
N LEU B 275 6.15 -8.40 -17.45
CA LEU B 275 5.03 -7.63 -16.94
C LEU B 275 5.45 -6.53 -15.97
N LEU B 276 6.75 -6.37 -15.73
CA LEU B 276 7.19 -5.42 -14.73
C LEU B 276 7.75 -4.16 -15.38
N PRO B 277 7.44 -2.97 -14.85
CA PRO B 277 7.96 -1.74 -15.44
C PRO B 277 9.45 -1.54 -15.17
N ILE B 278 10.25 -2.58 -15.42
CA ILE B 278 11.69 -2.55 -15.24
C ILE B 278 12.32 -2.79 -16.61
N PHE B 279 13.30 -1.95 -16.97
CA PHE B 279 13.87 -1.99 -18.30
C PHE B 279 14.43 -3.37 -18.63
N SER B 280 13.91 -3.97 -19.70
CA SER B 280 14.39 -5.27 -20.15
C SER B 280 14.49 -5.35 -21.67
N SER B 281 14.63 -4.21 -22.35
CA SER B 281 14.67 -4.19 -23.80
C SER B 281 16.08 -4.49 -24.31
N LEU B 282 16.17 -5.24 -25.39
CA LEU B 282 17.45 -5.61 -25.97
C LEU B 282 18.03 -4.46 -26.79
N GLY B 283 19.35 -4.49 -26.94
CA GLY B 283 20.03 -3.50 -27.75
C GLY B 283 20.33 -2.22 -27.01
N ASP B 284 20.84 -1.25 -27.78
CA ASP B 284 21.22 0.04 -27.23
C ASP B 284 20.43 1.20 -27.84
N GLY B 285 19.55 0.95 -28.80
CA GLY B 285 18.76 1.99 -29.41
C GLY B 285 19.44 2.75 -30.54
N CYS B 286 20.77 2.65 -30.66
CA CYS B 286 21.49 3.30 -31.74
C CYS B 286 21.72 2.39 -32.94
N SER B 287 21.43 1.10 -32.82
CA SER B 287 21.56 0.17 -33.92
C SER B 287 20.64 -1.01 -33.65
N PHE B 288 20.10 -1.57 -34.73
CA PHE B 288 19.08 -2.61 -34.64
C PHE B 288 19.37 -3.68 -35.67
N PRO B 289 19.12 -4.95 -35.34
CA PRO B 289 19.33 -6.02 -36.33
C PRO B 289 18.43 -5.84 -37.55
N THR B 290 19.01 -6.07 -38.72
CA THR B 290 18.29 -5.95 -39.98
C THR B 290 17.85 -7.34 -40.46
N ARG B 291 16.76 -7.35 -41.22
CA ARG B 291 16.23 -8.62 -41.74
C ARG B 291 17.18 -9.26 -42.75
N LEU B 292 17.83 -8.47 -43.59
CA LEU B 292 18.63 -9.05 -44.67
C LEU B 292 20.10 -9.24 -44.29
N VAL B 293 20.89 -8.17 -44.34
CA VAL B 293 22.31 -8.29 -44.00
C VAL B 293 22.79 -6.95 -43.47
N GLY B 294 23.77 -6.99 -42.58
CA GLY B 294 24.23 -5.80 -41.91
C GLY B 294 23.58 -5.65 -40.56
N MET B 295 24.16 -6.28 -39.55
CA MET B 295 23.56 -6.41 -38.22
C MET B 295 22.15 -6.97 -38.31
#